data_8OVN
#
_entry.id   8OVN
#
_cell.length_a   106.140
_cell.length_b   106.140
_cell.length_c   108.140
_cell.angle_alpha   90.000
_cell.angle_beta   90.000
_cell.angle_gamma   120.000
#
_symmetry.space_group_name_H-M   'P 31 2 1'
#
loop_
_entity.id
_entity.type
_entity.pdbx_description
1 polymer 'Putative periplasmic binding transport protein,Green fluorescent protein'
2 non-polymer 'CITRIC ACID'
3 water water
#
_entity_poly.entity_id   1
_entity_poly.type   'polypeptide(L)'
_entity_poly.pdbx_seq_one_letter_code
;GAAGSTLDKIAKNGVIVVGHRESSVPFSYYDNQQKVVGYSQDYSNAIVEAVKKKLNKPDLQVKLIPITAQNRIPLLQNGT
FDFECGSTTNNVERQKQAAFSDTIFVVGTRLLTKKGGDIKDFANLKDKAVVVTSGTTSEVLLNKLNEEQKMNMRIISAKD
HGDSFRTLESGRAVAFMMDDVLLAGERAKAKKPDNWEIVGKPQSQEAYGCMLRKDDPQFKKLMDDTIAQVQTSGEAEKWF
DKWFKNPILVSHNVYITADKQKNGIKANFKIRHNVEDGSVQLADHYQQNTPIGDGPVLLPDNHYLSTQSVLSKDPNEKRD
HMVLLEFVTAAGITLGMDELYKGGTGGSMSKGEELFTGVVPILVELDGDVNGHKFSVRGEGEGDATNGKLTLKFICTTGK
LPVPWPTLVTTL(CRO)VQCFSRYPDHMKQHDFFKSAMPEGYVQERTISFKDDGTYKTRAEVKFEGDTLVNRIELKGIDF
KEDGNILGHKLEYNFNNPLNMNFELSDEMKALFKEPNDKALK
;
_entity_poly.pdbx_strand_id   A
#
# COMPACT_ATOMS: atom_id res chain seq x y z
N GLY A 4 32.94 -5.16 15.13
CA GLY A 4 32.00 -5.20 16.24
C GLY A 4 30.78 -6.04 15.95
N SER A 5 29.62 -5.56 16.40
CA SER A 5 28.36 -6.26 16.19
C SER A 5 27.22 -5.25 16.22
N THR A 6 26.10 -5.66 15.62
CA THR A 6 24.92 -4.79 15.63
C THR A 6 24.43 -4.55 17.05
N LEU A 7 24.49 -5.59 17.90
CA LEU A 7 24.09 -5.43 19.29
C LEU A 7 24.95 -4.41 20.02
N ASP A 8 26.23 -4.32 19.66
CA ASP A 8 27.09 -3.29 20.25
C ASP A 8 26.62 -1.89 19.88
N LYS A 9 26.28 -1.68 18.62
CA LYS A 9 25.81 -0.38 18.17
C LYS A 9 24.44 -0.05 18.75
N ILE A 10 23.57 -1.05 18.91
CA ILE A 10 22.26 -0.81 19.51
C ILE A 10 22.41 -0.41 20.97
N ALA A 11 23.22 -1.16 21.73
CA ALA A 11 23.42 -0.85 23.14
C ALA A 11 24.11 0.50 23.33
N LYS A 12 24.97 0.88 22.39
CA LYS A 12 25.65 2.18 22.49
C LYS A 12 24.67 3.32 22.25
N ASN A 13 24.00 3.32 21.10
CA ASN A 13 23.07 4.38 20.74
C ASN A 13 21.72 4.27 21.45
N GLY A 14 21.43 3.14 22.09
CA GLY A 14 20.14 2.95 22.71
C GLY A 14 18.97 2.87 21.75
N VAL A 15 19.22 2.66 20.46
CA VAL A 15 18.18 2.59 19.45
C VAL A 15 18.38 1.33 18.62
N ILE A 16 17.26 0.78 18.14
CA ILE A 16 17.26 -0.28 17.14
C ILE A 16 16.42 0.21 15.97
N VAL A 17 17.02 0.24 14.78
CA VAL A 17 16.37 0.76 13.59
C VAL A 17 15.89 -0.42 12.75
N VAL A 18 14.59 -0.46 12.49
CA VAL A 18 13.96 -1.55 11.75
C VAL A 18 13.64 -1.06 10.34
N GLY A 19 14.10 -1.80 9.35
CA GLY A 19 13.71 -1.56 7.97
C GLY A 19 12.46 -2.36 7.63
N HIS A 20 11.58 -1.75 6.85
CA HIS A 20 10.30 -2.36 6.52
C HIS A 20 9.89 -2.00 5.10
N ARG A 21 9.23 -2.95 4.44
CA ARG A 21 8.64 -2.68 3.15
C ARG A 21 7.36 -1.84 3.32
N GLU A 22 6.99 -1.13 2.26
CA GLU A 22 5.84 -0.24 2.31
C GLU A 22 4.58 -0.86 1.72
N SER A 23 4.70 -1.88 0.88
CA SER A 23 3.53 -2.45 0.21
C SER A 23 3.78 -3.91 -0.14
N SER A 24 4.25 -4.69 0.82
CA SER A 24 4.46 -6.12 0.65
C SER A 24 3.36 -6.87 1.39
N VAL A 25 2.16 -6.81 0.83
CA VAL A 25 0.99 -7.43 1.46
C VAL A 25 1.10 -8.95 1.36
N PRO A 26 0.93 -9.70 2.46
CA PRO A 26 0.70 -9.18 3.81
C PRO A 26 1.91 -9.35 4.73
N PHE A 27 3.12 -9.20 4.19
CA PHE A 27 4.33 -9.38 5.00
C PHE A 27 4.69 -8.12 5.74
N SER A 28 4.74 -6.98 5.03
CA SER A 28 5.09 -5.70 5.65
C SER A 28 4.43 -4.61 4.82
N TYR A 29 3.46 -3.92 5.41
CA TYR A 29 2.66 -2.94 4.68
C TYR A 29 1.96 -2.02 5.66
N TYR A 30 1.45 -0.91 5.13
CA TYR A 30 0.69 0.05 5.93
C TYR A 30 -0.76 -0.40 6.05
N ASP A 31 -1.29 -0.37 7.26
CA ASP A 31 -2.67 -0.76 7.49
C ASP A 31 -3.58 0.46 7.38
N ASN A 32 -4.79 0.39 7.95
CA ASN A 32 -5.74 1.49 7.84
C ASN A 32 -5.28 2.75 8.57
N GLN A 33 -4.37 2.62 9.52
CA GLN A 33 -3.86 3.77 10.26
C GLN A 33 -2.40 4.07 9.92
N GLN A 34 -1.92 3.59 8.78
CA GLN A 34 -0.54 3.81 8.33
C GLN A 34 0.48 3.28 9.31
N LYS A 35 0.14 2.17 9.99
CA LYS A 35 1.06 1.48 10.86
C LYS A 35 1.64 0.27 10.15
N VAL A 36 2.94 0.04 10.33
CA VAL A 36 3.64 -1.04 9.64
C VAL A 36 3.26 -2.36 10.32
N VAL A 37 2.47 -3.18 9.63
CA VAL A 37 1.99 -4.45 10.15
C VAL A 37 2.31 -5.54 9.15
N GLY A 38 2.03 -6.78 9.54
CA GLY A 38 2.20 -7.91 8.64
C GLY A 38 2.78 -9.14 9.30
N TYR A 39 2.71 -10.28 8.59
CA TYR A 39 3.24 -11.53 9.11
C TYR A 39 4.72 -11.42 9.41
N SER A 40 5.48 -10.83 8.49
CA SER A 40 6.91 -10.64 8.73
C SER A 40 7.17 -9.59 9.80
N GLN A 41 6.32 -8.56 9.88
CA GLN A 41 6.46 -7.55 10.92
C GLN A 41 6.22 -8.11 12.31
N ASP A 42 5.49 -9.23 12.43
CA ASP A 42 5.34 -9.88 13.72
C ASP A 42 6.64 -10.49 14.19
N TYR A 43 7.46 -11.01 13.26
CA TYR A 43 8.80 -11.45 13.63
C TYR A 43 9.66 -10.29 14.08
N SER A 44 9.53 -9.14 13.41
CA SER A 44 10.33 -7.97 13.76
C SER A 44 10.05 -7.52 15.19
N ASN A 45 8.78 -7.53 15.61
CA ASN A 45 8.45 -7.15 16.98
C ASN A 45 9.04 -8.13 17.98
N ALA A 46 8.98 -9.43 17.67
CA ALA A 46 9.56 -10.42 18.58
C ALA A 46 11.07 -10.28 18.66
N ILE A 47 11.72 -10.00 17.52
CA ILE A 47 13.16 -9.79 17.52
C ILE A 47 13.52 -8.53 18.33
N VAL A 48 12.71 -7.47 18.18
CA VAL A 48 12.95 -6.25 18.94
C VAL A 48 12.87 -6.52 20.43
N GLU A 49 11.86 -7.29 20.86
CA GLU A 49 11.74 -7.62 22.28
C GLU A 49 12.91 -8.48 22.74
N ALA A 50 13.40 -9.36 21.88
CA ALA A 50 14.54 -10.19 22.25
C ALA A 50 15.82 -9.37 22.39
N VAL A 51 15.96 -8.32 21.59
CA VAL A 51 17.12 -7.44 21.73
C VAL A 51 17.08 -6.71 23.06
N LYS A 52 15.89 -6.25 23.47
CA LYS A 52 15.75 -5.57 24.76
C LYS A 52 16.14 -6.48 25.92
N LYS A 53 15.83 -7.78 25.81
CA LYS A 53 16.14 -8.71 26.88
C LYS A 53 17.61 -9.14 26.83
N LYS A 54 18.18 -9.29 25.63
CA LYS A 54 19.57 -9.70 25.52
C LYS A 54 20.50 -8.62 26.06
N LEU A 55 20.21 -7.35 25.77
CA LEU A 55 21.03 -6.24 26.22
C LEU A 55 20.61 -5.70 27.57
N ASN A 56 19.44 -6.10 28.08
CA ASN A 56 18.89 -5.59 29.34
C ASN A 56 18.75 -4.07 29.29
N LYS A 57 18.06 -3.59 28.27
CA LYS A 57 17.78 -2.16 28.09
C LYS A 57 16.30 -2.03 27.74
N PRO A 58 15.42 -2.05 28.74
CA PRO A 58 13.98 -2.00 28.47
C PRO A 58 13.52 -0.68 27.87
N ASP A 59 14.31 0.38 27.97
CA ASP A 59 13.98 1.67 27.40
C ASP A 59 14.55 1.86 26.00
N LEU A 60 14.85 0.78 25.30
CA LEU A 60 15.43 0.86 23.96
C LEU A 60 14.44 1.50 23.00
N GLN A 61 14.89 2.50 22.26
CA GLN A 61 14.06 3.16 21.26
C GLN A 61 13.99 2.33 19.99
N VAL A 62 12.80 2.27 19.40
CA VAL A 62 12.57 1.53 18.17
C VAL A 62 12.14 2.53 17.11
N LYS A 63 12.99 2.74 16.10
CA LYS A 63 12.68 3.61 14.98
C LYS A 63 12.59 2.80 13.70
N LEU A 64 11.74 3.24 12.78
CA LEU A 64 11.49 2.55 11.54
C LEU A 64 12.05 3.34 10.36
N ILE A 65 12.27 2.63 9.26
CA ILE A 65 12.74 3.23 8.01
C ILE A 65 12.14 2.45 6.85
N PRO A 66 11.47 3.12 5.91
CA PRO A 66 10.97 2.41 4.73
C PRO A 66 12.11 2.05 3.79
N ILE A 67 12.07 0.82 3.28
CA ILE A 67 13.12 0.33 2.39
C ILE A 67 12.48 -0.29 1.16
N THR A 68 13.20 -0.25 0.06
CA THR A 68 12.83 -0.92 -1.19
C THR A 68 13.92 -1.91 -1.56
N ALA A 69 13.66 -2.69 -2.62
CA ALA A 69 14.67 -3.60 -3.13
C ALA A 69 15.90 -2.87 -3.66
N GLN A 70 15.77 -1.56 -3.90
CA GLN A 70 16.88 -0.77 -4.42
C GLN A 70 17.89 -0.45 -3.32
N ASN A 71 17.43 0.02 -2.17
CA ASN A 71 18.31 0.56 -1.13
C ASN A 71 18.40 -0.32 0.10
N ARG A 72 17.78 -1.51 0.09
CA ARG A 72 17.75 -2.31 1.30
C ARG A 72 19.13 -2.86 1.67
N ILE A 73 20.00 -3.04 0.68
CA ILE A 73 21.35 -3.56 0.94
C ILE A 73 22.32 -2.40 1.23
N PRO A 74 22.36 -1.33 0.43
CA PRO A 74 23.27 -0.22 0.79
C PRO A 74 22.96 0.41 2.14
N LEU A 75 21.67 0.60 2.46
CA LEU A 75 21.34 1.20 3.75
C LEU A 75 21.58 0.24 4.90
N LEU A 76 21.52 -1.06 4.64
CA LEU A 76 21.91 -2.03 5.65
C LEU A 76 23.42 -2.05 5.86
N GLN A 77 24.18 -1.81 4.80
CA GLN A 77 25.64 -1.94 4.88
C GLN A 77 26.30 -0.74 5.54
N ASN A 78 25.74 0.46 5.39
CA ASN A 78 26.32 1.64 6.03
C ASN A 78 25.71 1.93 7.40
N GLY A 79 24.81 1.07 7.87
CA GLY A 79 24.28 1.20 9.21
C GLY A 79 23.07 2.09 9.37
N THR A 80 22.41 2.48 8.28
CA THR A 80 21.23 3.33 8.40
C THR A 80 20.07 2.59 9.08
N PHE A 81 19.99 1.27 8.89
CA PHE A 81 19.08 0.43 9.65
C PHE A 81 19.76 -0.90 9.95
N ASP A 82 19.19 -1.66 10.87
CA ASP A 82 19.85 -2.82 11.44
C ASP A 82 19.35 -4.15 10.90
N PHE A 83 18.06 -4.27 10.60
CA PHE A 83 17.53 -5.49 10.00
C PHE A 83 16.16 -5.19 9.42
N GLU A 84 15.72 -6.09 8.53
CA GLU A 84 14.41 -5.98 7.91
C GLU A 84 13.77 -7.35 7.83
N CYS A 85 12.46 -7.40 8.05
CA CYS A 85 11.69 -8.64 7.98
C CYS A 85 10.53 -8.41 7.02
N GLY A 86 10.64 -8.95 5.82
CA GLY A 86 9.60 -8.81 4.82
C GLY A 86 9.46 -10.03 3.94
N SER A 87 9.82 -9.91 2.66
CA SER A 87 9.72 -11.01 1.71
C SER A 87 11.00 -11.19 0.92
N THR A 88 12.14 -10.71 1.43
CA THR A 88 13.39 -10.83 0.71
C THR A 88 13.81 -12.28 0.55
N THR A 89 14.07 -12.69 -0.69
CA THR A 89 14.42 -14.06 -0.97
C THR A 89 15.88 -14.34 -0.63
N ASN A 90 16.12 -15.49 -0.02
CA ASN A 90 17.47 -15.92 0.34
C ASN A 90 18.15 -16.56 -0.87
N ASN A 91 19.30 -16.02 -1.26
CA ASN A 91 20.12 -16.63 -2.30
C ASN A 91 21.59 -16.38 -1.98
N VAL A 92 22.46 -17.07 -2.72
CA VAL A 92 23.89 -17.01 -2.42
C VAL A 92 24.47 -15.66 -2.85
N GLU A 93 23.93 -15.05 -3.90
CA GLU A 93 24.43 -13.75 -4.34
C GLU A 93 24.28 -12.70 -3.25
N ARG A 94 23.08 -12.61 -2.67
CA ARG A 94 22.85 -11.65 -1.60
C ARG A 94 23.66 -11.98 -0.35
N GLN A 95 24.00 -13.26 -0.16
CA GLN A 95 24.81 -13.64 1.00
C GLN A 95 26.23 -13.11 0.89
N LYS A 96 26.69 -12.72 -0.30
CA LYS A 96 27.94 -12.00 -0.41
C LYS A 96 27.82 -10.56 0.05
N GLN A 97 26.60 -10.02 0.11
CA GLN A 97 26.37 -8.63 0.51
C GLN A 97 25.85 -8.50 1.93
N ALA A 98 25.11 -9.50 2.43
CA ALA A 98 24.50 -9.42 3.75
C ALA A 98 24.26 -10.85 4.23
N ALA A 99 23.51 -10.97 5.33
CA ALA A 99 23.19 -12.27 5.92
C ALA A 99 21.68 -12.42 6.04
N PHE A 100 21.23 -13.67 6.07
CA PHE A 100 19.82 -13.99 6.20
C PHE A 100 19.59 -14.79 7.47
N SER A 101 18.48 -14.52 8.14
CA SER A 101 18.11 -15.24 9.35
C SER A 101 17.47 -16.57 8.98
N ASP A 102 16.89 -17.24 9.97
CA ASP A 102 16.10 -18.43 9.69
C ASP A 102 14.94 -18.08 8.77
N THR A 103 14.65 -18.98 7.84
CA THR A 103 13.58 -18.75 6.88
C THR A 103 12.23 -18.61 7.59
N ILE A 104 11.47 -17.59 7.21
CA ILE A 104 10.14 -17.37 7.78
C ILE A 104 9.03 -17.67 6.79
N PHE A 105 9.34 -17.99 5.54
CA PHE A 105 8.32 -18.32 4.55
C PHE A 105 8.96 -19.06 3.39
N VAL A 106 8.29 -20.13 2.95
CA VAL A 106 8.73 -20.95 1.83
C VAL A 106 7.64 -20.93 0.77
N VAL A 107 8.02 -20.71 -0.48
CA VAL A 107 7.08 -20.59 -1.59
C VAL A 107 7.49 -21.51 -2.72
N GLY A 108 6.59 -21.66 -3.67
CA GLY A 108 6.89 -22.39 -4.91
C GLY A 108 6.43 -21.59 -6.10
N THR A 109 7.26 -21.61 -7.15
CA THR A 109 6.95 -20.87 -8.38
C THR A 109 5.88 -21.62 -9.16
N ARG A 110 4.69 -21.04 -9.23
CA ARG A 110 3.55 -21.69 -9.89
C ARG A 110 2.95 -20.71 -10.90
N LEU A 111 1.74 -21.01 -11.36
CA LEU A 111 1.08 -20.24 -12.40
C LEU A 111 -0.30 -19.81 -11.93
N LEU A 112 -0.65 -18.56 -12.24
CA LEU A 112 -2.00 -18.04 -12.04
C LEU A 112 -2.69 -17.95 -13.40
N THR A 113 -3.90 -18.50 -13.49
CA THR A 113 -4.59 -18.56 -14.77
C THR A 113 -6.09 -18.44 -14.54
N LYS A 114 -6.81 -18.14 -15.62
CA LYS A 114 -8.27 -18.05 -15.56
C LYS A 114 -8.88 -19.43 -15.35
N LYS A 115 -10.02 -19.45 -14.65
CA LYS A 115 -10.59 -20.71 -14.17
C LYS A 115 -11.27 -21.53 -15.25
N GLY A 116 -11.46 -20.99 -16.44
CA GLY A 116 -12.12 -21.76 -17.49
C GLY A 116 -11.26 -22.02 -18.71
N GLY A 117 -9.94 -21.95 -18.54
CA GLY A 117 -9.00 -22.07 -19.63
C GLY A 117 -8.42 -23.46 -19.77
N ASP A 118 -7.29 -23.54 -20.46
CA ASP A 118 -6.62 -24.80 -20.75
C ASP A 118 -5.34 -24.99 -19.96
N ILE A 119 -4.96 -24.03 -19.11
CA ILE A 119 -3.67 -24.08 -18.41
C ILE A 119 -3.84 -24.93 -17.17
N LYS A 120 -3.36 -26.18 -17.24
CA LYS A 120 -3.34 -27.08 -16.09
C LYS A 120 -1.95 -27.31 -15.54
N ASP A 121 -0.92 -27.24 -16.36
CA ASP A 121 0.46 -27.38 -15.92
C ASP A 121 1.35 -26.55 -16.83
N PHE A 122 2.66 -26.60 -16.56
CA PHE A 122 3.61 -25.75 -17.26
C PHE A 122 3.78 -26.15 -18.72
N ALA A 123 3.53 -27.42 -19.06
CA ALA A 123 3.62 -27.85 -20.45
C ALA A 123 2.56 -27.19 -21.32
N ASN A 124 1.44 -26.75 -20.75
CA ASN A 124 0.37 -26.13 -21.52
C ASN A 124 0.72 -24.74 -22.02
N LEU A 125 1.84 -24.16 -21.56
CA LEU A 125 2.23 -22.82 -21.97
C LEU A 125 2.82 -22.78 -23.37
N LYS A 126 2.89 -23.92 -24.06
CA LYS A 126 3.51 -23.96 -25.38
C LYS A 126 2.77 -23.07 -26.37
N ASP A 127 3.52 -22.28 -27.13
CA ASP A 127 2.98 -21.38 -28.15
C ASP A 127 2.04 -20.32 -27.58
N LYS A 128 2.14 -20.05 -26.28
CA LYS A 128 1.25 -19.11 -25.62
C LYS A 128 2.05 -17.96 -25.01
N ALA A 129 1.33 -16.89 -24.67
CA ALA A 129 1.93 -15.70 -24.09
C ALA A 129 1.85 -15.79 -22.57
N VAL A 130 3.01 -15.75 -21.91
CA VAL A 130 3.12 -15.87 -20.47
C VAL A 130 3.78 -14.62 -19.93
N VAL A 131 3.22 -14.05 -18.86
CA VAL A 131 3.74 -12.83 -18.24
C VAL A 131 4.52 -13.21 -17.00
N VAL A 132 5.59 -12.46 -16.74
CA VAL A 132 6.44 -12.66 -15.56
C VAL A 132 6.92 -11.29 -15.10
N THR A 133 7.28 -11.19 -13.83
CA THR A 133 7.82 -9.96 -13.27
C THR A 133 9.32 -9.91 -13.51
N SER A 134 9.79 -8.78 -14.03
CA SER A 134 11.21 -8.63 -14.37
C SER A 134 12.08 -8.74 -13.11
N GLY A 135 13.22 -9.40 -13.26
CA GLY A 135 14.19 -9.52 -12.19
C GLY A 135 13.98 -10.66 -11.23
N THR A 136 12.84 -11.36 -11.31
CA THR A 136 12.57 -12.45 -10.39
C THR A 136 13.19 -13.75 -10.88
N THR A 137 13.27 -14.73 -9.98
CA THR A 137 13.77 -16.05 -10.37
C THR A 137 12.82 -16.74 -11.34
N SER A 138 11.54 -16.38 -11.30
CA SER A 138 10.58 -16.98 -12.24
C SER A 138 10.92 -16.62 -13.68
N GLU A 139 11.37 -15.38 -13.91
CA GLU A 139 11.78 -14.99 -15.26
C GLU A 139 12.93 -15.85 -15.76
N VAL A 140 13.85 -16.22 -14.86
CA VAL A 140 14.97 -17.07 -15.24
C VAL A 140 14.48 -18.50 -15.50
N LEU A 141 13.66 -19.03 -14.61
CA LEU A 141 13.19 -20.39 -14.77
C LEU A 141 12.25 -20.53 -15.97
N LEU A 142 11.40 -19.53 -16.20
CA LEU A 142 10.50 -19.59 -17.34
C LEU A 142 11.28 -19.54 -18.66
N ASN A 143 12.32 -18.71 -18.72
CA ASN A 143 13.14 -18.66 -19.92
C ASN A 143 13.93 -19.95 -20.11
N LYS A 144 14.43 -20.52 -19.01
CA LYS A 144 15.13 -21.80 -19.09
C LYS A 144 14.24 -22.89 -19.63
N LEU A 145 12.99 -22.96 -19.15
CA LEU A 145 12.06 -23.95 -19.67
C LEU A 145 11.71 -23.69 -21.12
N ASN A 146 11.58 -22.42 -21.50
CA ASN A 146 11.27 -22.09 -22.89
C ASN A 146 12.40 -22.51 -23.82
N GLU A 147 13.65 -22.27 -23.41
CA GLU A 147 14.80 -22.60 -24.25
C GLU A 147 15.07 -24.10 -24.26
N GLU A 148 14.94 -24.77 -23.12
CA GLU A 148 15.27 -26.19 -23.05
C GLU A 148 14.23 -27.04 -23.78
N GLN A 149 12.94 -26.75 -23.57
CA GLN A 149 11.87 -27.55 -24.15
C GLN A 149 11.39 -27.03 -25.50
N LYS A 150 11.96 -25.94 -25.99
CA LYS A 150 11.55 -25.32 -27.26
C LYS A 150 10.04 -25.08 -27.27
N MET A 151 9.58 -24.31 -26.29
CA MET A 151 8.17 -24.12 -26.06
C MET A 151 7.56 -23.00 -26.91
N ASN A 152 8.38 -22.17 -27.55
CA ASN A 152 7.90 -21.08 -28.40
C ASN A 152 6.96 -20.15 -27.64
N MET A 153 7.38 -19.76 -26.44
CA MET A 153 6.58 -18.91 -25.58
C MET A 153 6.89 -17.44 -25.85
N ARG A 154 5.86 -16.61 -25.80
CA ARG A 154 6.00 -15.16 -25.91
C ARG A 154 6.03 -14.61 -24.49
N ILE A 155 7.23 -14.39 -23.95
CA ILE A 155 7.41 -14.06 -22.54
C ILE A 155 7.35 -12.54 -22.38
N ILE A 156 6.41 -12.08 -21.56
CA ILE A 156 6.27 -10.67 -21.23
C ILE A 156 6.84 -10.44 -19.83
N SER A 157 7.75 -9.48 -19.72
CA SER A 157 8.37 -9.11 -18.45
C SER A 157 7.84 -7.75 -18.04
N ALA A 158 7.03 -7.72 -16.98
CA ALA A 158 6.41 -6.50 -16.50
C ALA A 158 7.24 -5.87 -15.38
N LYS A 159 6.91 -4.63 -15.05
CA LYS A 159 7.70 -3.86 -14.09
C LYS A 159 7.58 -4.43 -12.68
N ASP A 160 6.36 -4.79 -12.26
CA ASP A 160 6.13 -5.31 -10.92
C ASP A 160 5.03 -6.37 -11.00
N HIS A 161 4.57 -6.81 -9.84
CA HIS A 161 3.56 -7.86 -9.78
C HIS A 161 2.17 -7.35 -10.12
N GLY A 162 1.85 -6.11 -9.76
CA GLY A 162 0.59 -5.54 -10.17
C GLY A 162 0.50 -5.36 -11.67
N ASP A 163 1.59 -4.89 -12.29
CA ASP A 163 1.63 -4.82 -13.75
C ASP A 163 1.51 -6.20 -14.38
N SER A 164 2.17 -7.19 -13.79
CA SER A 164 2.12 -8.55 -14.34
C SER A 164 0.73 -9.14 -14.25
N PHE A 165 0.04 -8.93 -13.13
CA PHE A 165 -1.29 -9.51 -12.98
C PHE A 165 -2.29 -8.81 -13.90
N ARG A 166 -2.20 -7.48 -14.01
CA ARG A 166 -3.10 -6.77 -14.92
C ARG A 166 -2.85 -7.16 -16.37
N THR A 167 -1.65 -7.61 -16.70
CA THR A 167 -1.41 -8.22 -18.01
C THR A 167 -2.21 -9.51 -18.15
N LEU A 168 -2.24 -10.32 -17.09
CA LEU A 168 -3.03 -11.55 -17.11
C LEU A 168 -4.52 -11.23 -17.00
N GLU A 169 -4.89 -10.27 -16.14
CA GLU A 169 -6.29 -9.95 -15.93
C GLU A 169 -6.94 -9.41 -17.21
N SER A 170 -6.20 -8.64 -17.98
CA SER A 170 -6.73 -8.06 -19.22
C SER A 170 -6.75 -9.06 -20.36
N GLY A 171 -6.15 -10.23 -20.20
CA GLY A 171 -6.11 -11.21 -21.26
C GLY A 171 -4.90 -11.12 -22.18
N ARG A 172 -4.00 -10.16 -21.94
CA ARG A 172 -2.80 -10.04 -22.76
C ARG A 172 -1.79 -11.15 -22.51
N ALA A 173 -2.02 -11.98 -21.50
CA ALA A 173 -1.20 -13.16 -21.27
C ALA A 173 -2.10 -14.25 -20.69
N VAL A 174 -1.75 -15.50 -20.95
CA VAL A 174 -2.59 -16.62 -20.52
C VAL A 174 -2.27 -17.06 -19.09
N ALA A 175 -1.07 -16.78 -18.59
CA ALA A 175 -0.70 -17.20 -17.25
C ALA A 175 0.36 -16.25 -16.69
N PHE A 176 0.38 -16.13 -15.37
CA PHE A 176 1.36 -15.33 -14.65
C PHE A 176 2.14 -16.26 -13.74
N MET A 177 3.45 -16.37 -13.99
CA MET A 177 4.32 -17.23 -13.19
C MET A 177 5.07 -16.41 -12.16
N MET A 178 4.96 -16.80 -10.90
CA MET A 178 5.62 -16.14 -9.78
C MET A 178 5.46 -17.03 -8.56
N ASP A 179 6.13 -16.66 -7.48
CA ASP A 179 5.91 -17.31 -6.19
C ASP A 179 4.42 -17.36 -5.88
N ASP A 180 3.96 -18.53 -5.40
CA ASP A 180 2.53 -18.76 -5.29
C ASP A 180 1.88 -17.80 -4.30
N VAL A 181 2.57 -17.47 -3.21
CA VAL A 181 1.97 -16.57 -2.22
C VAL A 181 1.82 -15.17 -2.78
N LEU A 182 2.69 -14.77 -3.72
CA LEU A 182 2.54 -13.48 -4.37
C LEU A 182 1.49 -13.52 -5.47
N LEU A 183 1.27 -14.69 -6.07
CA LEU A 183 0.15 -14.86 -7.00
C LEU A 183 -1.18 -14.68 -6.29
N ALA A 184 -1.30 -15.25 -5.08
CA ALA A 184 -2.54 -15.11 -4.32
C ALA A 184 -2.73 -13.67 -3.86
N GLY A 185 -1.64 -12.98 -3.53
CA GLY A 185 -1.74 -11.57 -3.15
C GLY A 185 -2.27 -10.72 -4.29
N GLU A 186 -1.79 -10.96 -5.51
CA GLU A 186 -2.33 -10.26 -6.67
C GLU A 186 -3.75 -10.69 -6.97
N ARG A 187 -4.11 -11.94 -6.66
CA ARG A 187 -5.48 -12.40 -6.85
C ARG A 187 -6.41 -11.75 -5.84
N ALA A 188 -5.93 -11.53 -4.62
CA ALA A 188 -6.77 -10.93 -3.58
C ALA A 188 -7.18 -9.50 -3.90
N LYS A 189 -6.40 -8.81 -4.75
CA LYS A 189 -6.70 -7.44 -5.15
C LYS A 189 -7.41 -7.37 -6.49
N ALA A 190 -7.79 -8.51 -7.06
CA ALA A 190 -8.34 -8.54 -8.41
C ALA A 190 -9.75 -7.94 -8.45
N LYS A 191 -10.19 -7.63 -9.67
CA LYS A 191 -11.58 -7.24 -9.87
C LYS A 191 -12.52 -8.33 -9.38
N LYS A 192 -12.33 -9.56 -9.88
CA LYS A 192 -13.09 -10.72 -9.44
C LYS A 192 -12.09 -11.81 -9.07
N PRO A 193 -11.65 -11.84 -7.81
CA PRO A 193 -10.68 -12.88 -7.39
C PRO A 193 -11.17 -14.29 -7.64
N ASP A 194 -12.47 -14.52 -7.73
CA ASP A 194 -13.01 -15.86 -7.94
C ASP A 194 -12.66 -16.42 -9.31
N ASN A 195 -12.21 -15.58 -10.25
CA ASN A 195 -11.93 -16.02 -11.61
C ASN A 195 -10.55 -16.65 -11.76
N TRP A 196 -9.69 -16.56 -10.76
CA TRP A 196 -8.28 -16.89 -10.92
C TRP A 196 -7.90 -18.13 -10.12
N GLU A 197 -6.94 -18.87 -10.65
CA GLU A 197 -6.60 -20.21 -10.17
C GLU A 197 -5.09 -20.40 -10.19
N ILE A 198 -4.54 -20.99 -9.14
CA ILE A 198 -3.12 -21.29 -9.06
C ILE A 198 -2.93 -22.76 -9.46
N VAL A 199 -2.21 -22.99 -10.54
CA VAL A 199 -2.01 -24.32 -11.09
C VAL A 199 -0.52 -24.54 -11.36
N GLY A 200 -0.19 -25.76 -11.75
CA GLY A 200 1.17 -26.10 -12.15
C GLY A 200 1.98 -26.68 -11.00
N LYS A 201 2.97 -27.49 -11.37
CA LYS A 201 3.88 -28.00 -10.36
C LYS A 201 5.03 -27.03 -10.16
N PRO A 202 5.47 -26.84 -8.91
CA PRO A 202 6.48 -25.80 -8.63
C PRO A 202 7.77 -26.05 -9.39
N GLN A 203 8.23 -25.02 -10.10
CA GLN A 203 9.50 -25.07 -10.80
C GLN A 203 10.69 -24.85 -9.87
N SER A 204 10.45 -24.39 -8.65
CA SER A 204 11.51 -24.12 -7.68
C SER A 204 10.88 -23.86 -6.33
N GLN A 205 11.70 -23.95 -5.29
CA GLN A 205 11.35 -23.51 -3.95
C GLN A 205 12.18 -22.27 -3.62
N GLU A 206 11.54 -21.26 -3.03
CA GLU A 206 12.22 -20.05 -2.62
C GLU A 206 11.98 -19.81 -1.14
N ALA A 207 13.02 -19.31 -0.46
CA ALA A 207 12.96 -19.07 0.97
C ALA A 207 13.04 -17.57 1.24
N TYR A 208 12.10 -17.06 2.02
CA TYR A 208 12.12 -15.68 2.48
C TYR A 208 12.74 -15.64 3.87
N GLY A 209 13.69 -14.73 4.06
CA GLY A 209 14.35 -14.59 5.34
C GLY A 209 14.55 -13.14 5.71
N CYS A 210 14.61 -12.90 7.01
CA CYS A 210 14.95 -11.57 7.49
C CYS A 210 16.43 -11.29 7.22
N MET A 211 16.72 -10.08 6.75
CA MET A 211 18.06 -9.71 6.34
C MET A 211 18.75 -8.88 7.41
N LEU A 212 20.05 -9.11 7.58
CA LEU A 212 20.88 -8.35 8.51
C LEU A 212 22.28 -8.25 7.92
N ARG A 213 23.15 -7.52 8.61
CA ARG A 213 24.50 -7.33 8.12
C ARG A 213 25.28 -8.63 8.14
N LYS A 214 26.20 -8.77 7.19
CA LYS A 214 27.02 -9.97 7.11
C LYS A 214 28.09 -9.97 8.19
N ASP A 215 28.58 -11.17 8.52
CA ASP A 215 29.66 -11.37 9.48
C ASP A 215 29.27 -10.86 10.87
N ASP A 216 28.01 -11.10 11.25
CA ASP A 216 27.49 -10.74 12.57
C ASP A 216 26.76 -11.93 13.15
N PRO A 217 27.50 -12.95 13.62
CA PRO A 217 26.84 -14.12 14.19
C PRO A 217 26.08 -13.82 15.48
N GLN A 218 26.51 -12.82 16.24
CA GLN A 218 25.82 -12.48 17.48
C GLN A 218 24.37 -12.06 17.22
N PHE A 219 24.19 -11.11 16.29
CA PHE A 219 22.85 -10.65 15.99
C PHE A 219 22.05 -11.71 15.23
N LYS A 220 22.73 -12.48 14.37
CA LYS A 220 22.03 -13.52 13.63
C LYS A 220 21.56 -14.64 14.56
N LYS A 221 22.38 -14.99 15.56
CA LYS A 221 21.99 -16.03 16.51
C LYS A 221 20.75 -15.63 17.28
N LEU A 222 20.67 -14.36 17.70
CA LEU A 222 19.48 -13.89 18.41
C LEU A 222 18.25 -13.95 17.52
N MET A 223 18.38 -13.55 16.26
CA MET A 223 17.24 -13.60 15.35
C MET A 223 16.84 -15.04 15.06
N ASP A 224 17.82 -15.92 14.84
CA ASP A 224 17.51 -17.33 14.59
C ASP A 224 16.84 -17.96 15.80
N ASP A 225 17.31 -17.64 17.00
CA ASP A 225 16.72 -18.21 18.21
C ASP A 225 15.29 -17.69 18.41
N THR A 226 15.06 -16.41 18.12
CA THR A 226 13.71 -15.85 18.25
C THR A 226 12.78 -16.43 17.21
N ILE A 227 13.26 -16.57 15.97
CA ILE A 227 12.40 -17.10 14.91
C ILE A 227 12.11 -18.58 15.14
N ALA A 228 13.13 -19.35 15.56
CA ALA A 228 12.93 -20.78 15.77
C ALA A 228 11.95 -21.06 16.88
N GLN A 229 12.01 -20.28 17.97
CA GLN A 229 11.08 -20.49 19.08
C GLN A 229 9.65 -20.14 18.68
N VAL A 230 9.47 -19.08 17.90
CA VAL A 230 8.13 -18.70 17.45
C VAL A 230 7.53 -19.80 16.58
N GLN A 231 8.35 -20.43 15.74
CA GLN A 231 7.84 -21.42 14.80
C GLN A 231 7.56 -22.75 15.50
N THR A 232 8.50 -23.24 16.30
CA THR A 232 8.34 -24.54 16.92
C THR A 232 7.24 -24.54 17.98
N SER A 233 7.03 -23.41 18.66
CA SER A 233 6.00 -23.33 19.68
C SER A 233 4.59 -23.24 19.11
N GLY A 234 4.45 -22.96 17.82
CA GLY A 234 3.15 -22.82 17.20
C GLY A 234 2.66 -21.39 17.06
N GLU A 235 3.42 -20.41 17.55
CA GLU A 235 3.00 -19.01 17.42
C GLU A 235 3.02 -18.55 15.97
N ALA A 236 3.92 -19.10 15.15
CA ALA A 236 4.00 -18.68 13.75
C ALA A 236 2.77 -19.10 12.95
N GLU A 237 2.20 -20.27 13.26
CA GLU A 237 1.02 -20.72 12.55
C GLU A 237 -0.18 -19.83 12.86
N LYS A 238 -0.28 -19.33 14.09
CA LYS A 238 -1.35 -18.40 14.44
C LYS A 238 -1.20 -17.09 13.67
N TRP A 239 0.05 -16.63 13.49
CA TRP A 239 0.29 -15.46 12.66
C TRP A 239 -0.09 -15.74 11.21
N PHE A 240 0.20 -16.95 10.73
CA PHE A 240 -0.14 -17.30 9.35
C PHE A 240 -1.64 -17.23 9.12
N ASP A 241 -2.43 -17.83 10.02
CA ASP A 241 -3.88 -17.82 9.86
C ASP A 241 -4.45 -16.41 9.97
N LYS A 242 -3.85 -15.56 10.80
CA LYS A 242 -4.35 -14.21 10.97
C LYS A 242 -4.14 -13.38 9.69
N TRP A 243 -3.02 -13.58 9.01
CA TRP A 243 -2.66 -12.77 7.86
C TRP A 243 -3.01 -13.42 6.53
N PHE A 244 -2.97 -14.74 6.42
CA PHE A 244 -3.12 -15.42 5.13
C PHE A 244 -4.43 -16.18 4.98
N LYS A 245 -5.23 -16.33 6.05
CA LYS A 245 -6.51 -17.02 5.96
C LYS A 245 -7.66 -16.22 6.55
N ASN A 246 -7.46 -14.92 6.81
CA ASN A 246 -8.48 -14.09 7.44
C ASN A 246 -8.45 -12.71 6.77
N PRO A 247 -9.54 -11.96 6.87
CA PRO A 247 -9.58 -10.65 6.23
C PRO A 247 -8.55 -9.70 6.82
N ILE A 248 -7.96 -8.87 5.97
CA ILE A 248 -6.99 -7.86 6.38
C ILE A 248 -7.39 -6.53 5.75
N LEU A 249 -7.05 -5.45 6.44
CA LEU A 249 -7.37 -4.10 6.00
C LEU A 249 -6.15 -3.47 5.33
N VAL A 250 -6.37 -2.83 4.19
CA VAL A 250 -5.29 -2.32 3.35
C VAL A 250 -5.62 -0.88 2.96
N SER A 251 -4.58 -0.06 2.82
CA SER A 251 -4.76 1.35 2.51
C SER A 251 -4.92 1.56 1.01
N HIS A 252 -5.54 2.70 0.66
CA HIS A 252 -5.58 3.14 -0.72
C HIS A 252 -4.25 3.76 -1.12
N ASN A 253 -4.02 3.84 -2.43
CA ASN A 253 -2.79 4.40 -2.97
C ASN A 253 -3.15 5.44 -4.03
N VAL A 254 -2.71 6.68 -3.81
CA VAL A 254 -2.95 7.78 -4.74
C VAL A 254 -1.61 8.13 -5.38
N TYR A 255 -1.44 7.75 -6.64
CA TYR A 255 -0.16 7.94 -7.32
C TYR A 255 -0.07 9.34 -7.90
N ILE A 256 0.99 10.05 -7.56
CA ILE A 256 1.17 11.45 -7.94
C ILE A 256 2.34 11.56 -8.92
N THR A 257 2.14 12.35 -9.97
CA THR A 257 3.20 12.68 -10.90
C THR A 257 3.29 14.19 -11.04
N ALA A 258 4.47 14.68 -11.41
CA ALA A 258 4.66 16.10 -11.61
C ALA A 258 3.97 16.56 -12.90
N ASP A 259 3.75 17.87 -12.99
CA ASP A 259 3.13 18.49 -14.16
C ASP A 259 3.81 19.86 -14.34
N LYS A 260 5.00 19.83 -14.94
CA LYS A 260 5.78 21.05 -15.11
C LYS A 260 5.14 22.03 -16.09
N GLN A 261 4.21 21.56 -16.92
CA GLN A 261 3.55 22.46 -17.86
C GLN A 261 2.67 23.47 -17.13
N LYS A 262 1.94 23.03 -16.11
CA LYS A 262 1.08 23.91 -15.33
C LYS A 262 1.66 24.21 -13.95
N ASN A 263 2.94 23.90 -13.73
CA ASN A 263 3.61 24.13 -12.45
C ASN A 263 2.90 23.46 -11.29
N GLY A 264 2.22 22.34 -11.57
CA GLY A 264 1.47 21.61 -10.58
C GLY A 264 1.77 20.12 -10.63
N ILE A 265 0.74 19.33 -10.36
CA ILE A 265 0.85 17.88 -10.30
C ILE A 265 -0.42 17.26 -10.88
N LYS A 266 -0.34 15.96 -11.13
CA LYS A 266 -1.49 15.16 -11.55
C LYS A 266 -1.59 13.94 -10.62
N ALA A 267 -2.79 13.38 -10.54
CA ALA A 267 -3.03 12.23 -9.68
C ALA A 267 -3.99 11.27 -10.37
N ASN A 268 -3.75 9.98 -10.18
CA ASN A 268 -4.58 8.94 -10.77
C ASN A 268 -4.74 7.81 -9.76
N PHE A 269 -5.99 7.45 -9.49
CA PHE A 269 -6.28 6.36 -8.57
C PHE A 269 -7.72 5.92 -8.76
N LYS A 270 -8.04 4.75 -8.19
CA LYS A 270 -9.36 4.16 -8.27
C LYS A 270 -9.89 3.91 -6.87
N ILE A 271 -11.18 4.18 -6.67
CA ILE A 271 -11.87 3.89 -5.43
C ILE A 271 -12.96 2.87 -5.73
N ARG A 272 -12.97 1.78 -4.97
CA ARG A 272 -13.91 0.68 -5.18
C ARG A 272 -14.96 0.74 -4.08
N HIS A 273 -16.10 1.36 -4.38
CA HIS A 273 -17.19 1.47 -3.42
C HIS A 273 -17.94 0.16 -3.32
N ASN A 274 -18.14 -0.33 -2.10
CA ASN A 274 -18.88 -1.57 -1.89
C ASN A 274 -20.37 -1.32 -2.06
N VAL A 275 -21.04 -2.20 -2.80
CA VAL A 275 -22.48 -2.15 -2.98
C VAL A 275 -23.11 -3.12 -1.99
N GLU A 276 -24.32 -2.80 -1.54
CA GLU A 276 -24.97 -3.56 -0.49
C GLU A 276 -25.32 -4.99 -0.89
N ASP A 277 -25.24 -5.32 -2.18
CA ASP A 277 -25.49 -6.68 -2.63
C ASP A 277 -24.23 -7.52 -2.75
N GLY A 278 -23.07 -6.97 -2.37
CA GLY A 278 -21.81 -7.66 -2.47
C GLY A 278 -20.96 -7.26 -3.65
N SER A 279 -21.53 -6.53 -4.62
CA SER A 279 -20.78 -6.10 -5.80
C SER A 279 -19.97 -4.85 -5.44
N VAL A 280 -19.33 -4.26 -6.45
CA VAL A 280 -18.42 -3.14 -6.26
C VAL A 280 -18.73 -2.08 -7.31
N GLN A 281 -18.84 -0.82 -6.88
CA GLN A 281 -19.05 0.31 -7.77
C GLN A 281 -17.72 1.04 -7.94
N LEU A 282 -17.10 0.90 -9.10
CA LEU A 282 -15.80 1.49 -9.35
C LEU A 282 -15.93 2.99 -9.60
N ALA A 283 -15.02 3.76 -9.01
CA ALA A 283 -14.95 5.20 -9.20
C ALA A 283 -13.55 5.57 -9.64
N ASP A 284 -13.42 6.08 -10.86
CA ASP A 284 -12.14 6.41 -11.46
C ASP A 284 -11.84 7.88 -11.24
N HIS A 285 -10.71 8.17 -10.62
CA HIS A 285 -10.33 9.53 -10.24
C HIS A 285 -9.22 10.03 -11.14
N TYR A 286 -9.48 11.14 -11.84
CA TYR A 286 -8.47 11.88 -12.59
C TYR A 286 -8.34 13.26 -11.94
N GLN A 287 -7.11 13.63 -11.57
CA GLN A 287 -6.90 14.80 -10.74
C GLN A 287 -5.74 15.62 -11.25
N GLN A 288 -5.89 16.95 -11.16
CA GLN A 288 -4.81 17.89 -11.44
C GLN A 288 -4.88 19.02 -10.42
N ASN A 289 -3.72 19.52 -10.02
CA ASN A 289 -3.62 20.58 -9.01
C ASN A 289 -2.74 21.69 -9.54
N THR A 290 -3.26 22.92 -9.53
CA THR A 290 -2.55 24.08 -10.03
C THR A 290 -2.37 25.11 -8.92
N PRO A 291 -1.17 25.64 -8.71
CA PRO A 291 -0.98 26.63 -7.65
C PRO A 291 -1.72 27.92 -7.97
N ILE A 292 -2.22 28.56 -6.92
CA ILE A 292 -2.95 29.82 -7.06
C ILE A 292 -1.99 31.01 -7.09
N GLY A 293 -1.01 31.02 -6.19
CA GLY A 293 -0.03 32.09 -6.19
C GLY A 293 1.00 31.93 -7.29
N ASP A 294 1.81 32.97 -7.46
CA ASP A 294 2.85 32.99 -8.47
C ASP A 294 4.21 32.55 -7.94
N GLY A 295 4.34 32.35 -6.63
CA GLY A 295 5.59 31.97 -6.05
C GLY A 295 6.02 30.57 -6.47
N PRO A 296 7.20 30.16 -6.02
CA PRO A 296 7.71 28.84 -6.39
C PRO A 296 7.11 27.74 -5.53
N VAL A 297 6.73 26.65 -6.20
CA VAL A 297 6.18 25.48 -5.53
C VAL A 297 7.11 24.30 -5.82
N LEU A 298 7.01 23.27 -4.97
CA LEU A 298 7.84 22.08 -5.13
C LEU A 298 7.22 21.16 -6.17
N LEU A 299 8.04 20.72 -7.13
CA LEU A 299 7.61 19.78 -8.15
C LEU A 299 8.21 18.41 -7.85
N PRO A 300 7.38 17.40 -7.61
CA PRO A 300 7.88 16.14 -7.05
C PRO A 300 8.22 15.09 -8.10
N ASP A 301 9.08 14.17 -7.70
CA ASP A 301 9.25 12.93 -8.42
C ASP A 301 8.01 12.05 -8.22
N ASN A 302 7.93 10.97 -9.00
CA ASN A 302 6.79 10.07 -8.92
C ASN A 302 6.75 9.40 -7.55
N HIS A 303 5.64 9.60 -6.83
CA HIS A 303 5.44 9.00 -5.52
C HIS A 303 3.95 8.81 -5.33
N TYR A 304 3.57 8.18 -4.21
CA TYR A 304 2.17 7.93 -3.93
C TYR A 304 1.88 8.20 -2.46
N LEU A 305 0.59 8.41 -2.18
CA LEU A 305 0.10 8.63 -0.83
C LEU A 305 -0.67 7.40 -0.38
N SER A 306 -0.32 6.88 0.79
CA SER A 306 -1.03 5.75 1.37
C SER A 306 -2.11 6.30 2.30
N THR A 307 -3.38 6.12 1.91
CA THR A 307 -4.50 6.76 2.58
C THR A 307 -5.54 5.72 2.96
N GLN A 308 -6.19 5.96 4.10
CA GLN A 308 -7.35 5.18 4.52
C GLN A 308 -8.21 6.05 5.42
N SER A 309 -9.53 5.95 5.25
CA SER A 309 -10.47 6.78 5.99
C SER A 309 -11.50 5.90 6.69
N VAL A 310 -11.82 6.26 7.93
CA VAL A 310 -12.80 5.55 8.73
C VAL A 310 -14.06 6.41 8.80
N LEU A 311 -15.18 5.83 8.36
CA LEU A 311 -16.45 6.53 8.33
C LEU A 311 -17.33 6.05 9.49
N SER A 312 -17.92 6.99 10.20
CA SER A 312 -18.74 6.67 11.36
C SER A 312 -19.88 7.68 11.45
N LYS A 313 -20.67 7.56 12.52
CA LYS A 313 -21.84 8.41 12.74
C LYS A 313 -21.83 8.97 14.14
N ASP A 314 -22.21 10.24 14.26
CA ASP A 314 -22.46 10.88 15.55
C ASP A 314 -23.82 10.43 16.06
N PRO A 315 -23.87 9.67 17.15
CA PRO A 315 -25.18 9.15 17.63
C PRO A 315 -26.13 10.23 18.10
N ASN A 316 -25.65 11.44 18.37
CA ASN A 316 -26.50 12.54 18.82
C ASN A 316 -26.73 13.58 17.72
N GLU A 317 -26.48 13.23 16.47
CA GLU A 317 -26.67 14.12 15.34
C GLU A 317 -27.92 13.71 14.58
N LYS A 318 -28.89 14.62 14.48
CA LYS A 318 -30.13 14.34 13.79
C LYS A 318 -30.07 14.62 12.30
N ARG A 319 -29.17 15.51 11.87
CA ARG A 319 -29.06 15.85 10.46
C ARG A 319 -28.28 14.76 9.71
N ASP A 320 -28.32 14.84 8.38
CA ASP A 320 -27.52 13.97 7.55
C ASP A 320 -26.06 14.39 7.67
N HIS A 321 -25.20 13.47 8.12
CA HIS A 321 -23.85 13.83 8.51
C HIS A 321 -22.90 12.69 8.22
N MET A 322 -21.60 12.99 8.31
CA MET A 322 -20.55 12.00 8.19
C MET A 322 -19.39 12.40 9.09
N VAL A 323 -18.97 11.48 9.95
CA VAL A 323 -17.79 11.67 10.79
C VAL A 323 -16.64 10.89 10.15
N LEU A 324 -15.55 11.59 9.86
CA LEU A 324 -14.46 11.02 9.08
C LEU A 324 -13.14 11.15 9.83
N LEU A 325 -12.42 10.04 9.95
CA LEU A 325 -11.05 10.01 10.43
C LEU A 325 -10.17 9.46 9.31
N GLU A 326 -9.06 10.14 9.04
CA GLU A 326 -8.20 9.80 7.92
C GLU A 326 -6.75 9.72 8.39
N PHE A 327 -6.02 8.76 7.83
CA PHE A 327 -4.60 8.57 8.13
C PHE A 327 -3.85 8.47 6.80
N VAL A 328 -2.96 9.44 6.54
CA VAL A 328 -2.23 9.51 5.29
C VAL A 328 -0.74 9.54 5.57
N THR A 329 0.03 8.85 4.72
CA THR A 329 1.47 8.99 4.69
C THR A 329 1.94 8.95 3.24
N ALA A 330 3.05 9.62 2.99
CA ALA A 330 3.65 9.62 1.66
C ALA A 330 4.68 8.49 1.56
N ALA A 331 4.83 7.95 0.35
CA ALA A 331 5.72 6.81 0.14
C ALA A 331 6.10 6.77 -1.34
N GLY A 332 6.97 5.82 -1.67
CA GLY A 332 7.33 5.58 -3.06
C GLY A 332 8.53 6.33 -3.57
N ILE A 333 9.45 6.74 -2.68
CA ILE A 333 10.67 7.43 -3.09
C ILE A 333 11.83 6.85 -2.31
N THR A 334 12.84 6.36 -3.02
CA THR A 334 13.92 5.57 -2.43
C THR A 334 14.86 6.47 -1.64
N LEU A 335 14.91 6.28 -0.32
CA LEU A 335 15.85 7.00 0.51
C LEU A 335 17.28 6.57 0.20
N GLY A 336 18.18 7.53 0.04
CA GLY A 336 19.56 7.27 -0.26
C GLY A 336 19.93 7.41 -1.72
N MET A 337 18.95 7.34 -2.63
CA MET A 337 19.18 7.49 -4.07
C MET A 337 18.17 8.50 -4.61
N ASP A 338 18.35 9.77 -4.24
CA ASP A 338 17.41 10.83 -4.64
C ASP A 338 18.14 12.16 -4.57
N GLU A 339 18.38 12.77 -5.72
CA GLU A 339 19.02 14.08 -5.77
C GLU A 339 18.00 15.20 -5.68
N SER A 350 10.51 24.38 1.98
CA SER A 350 9.47 25.31 1.55
C SER A 350 8.95 26.14 2.72
N LYS A 351 8.35 27.30 2.41
CA LYS A 351 7.82 28.16 3.47
C LYS A 351 6.50 27.64 4.01
N GLY A 352 5.61 27.17 3.13
CA GLY A 352 4.32 26.67 3.57
C GLY A 352 4.40 25.43 4.43
N GLU A 353 5.54 24.74 4.43
CA GLU A 353 5.71 23.58 5.29
C GLU A 353 5.62 23.95 6.76
N GLU A 354 6.07 25.15 7.13
CA GLU A 354 6.01 25.58 8.52
C GLU A 354 4.59 25.87 8.98
N LEU A 355 3.66 26.10 8.05
CA LEU A 355 2.27 26.35 8.42
C LEU A 355 1.56 25.11 8.91
N PHE A 356 2.16 23.93 8.79
CA PHE A 356 1.51 22.68 9.16
C PHE A 356 2.26 21.94 10.27
N THR A 357 3.15 22.64 10.98
CA THR A 357 3.90 21.98 12.05
C THR A 357 3.02 21.64 13.24
N GLY A 358 1.93 22.39 13.44
CA GLY A 358 1.00 22.13 14.50
C GLY A 358 -0.34 21.62 13.99
N VAL A 359 -1.35 21.72 14.84
CA VAL A 359 -2.70 21.31 14.49
C VAL A 359 -3.43 22.50 13.86
N VAL A 360 -3.94 22.30 12.66
CA VAL A 360 -4.50 23.38 11.85
C VAL A 360 -6.01 23.18 11.76
N PRO A 361 -6.81 24.20 12.05
CA PRO A 361 -8.27 24.06 11.90
C PRO A 361 -8.66 24.00 10.43
N ILE A 362 -9.70 23.22 10.14
CA ILE A 362 -10.13 22.95 8.78
C ILE A 362 -11.58 23.38 8.62
N LEU A 363 -11.87 24.07 7.52
CA LEU A 363 -13.23 24.40 7.12
C LEU A 363 -13.45 23.90 5.70
N VAL A 364 -14.50 23.10 5.51
CA VAL A 364 -14.83 22.53 4.22
C VAL A 364 -16.25 22.96 3.85
N GLU A 365 -16.39 23.52 2.66
CA GLU A 365 -17.69 23.95 2.15
C GLU A 365 -17.83 23.48 0.71
N LEU A 366 -18.92 22.75 0.43
CA LEU A 366 -19.13 22.15 -0.88
C LEU A 366 -20.53 22.48 -1.37
N ASP A 367 -20.61 22.96 -2.61
CA ASP A 367 -21.88 23.18 -3.31
C ASP A 367 -21.97 22.17 -4.44
N GLY A 368 -23.02 21.35 -4.43
CA GLY A 368 -23.15 20.25 -5.35
C GLY A 368 -24.40 20.32 -6.19
N ASP A 369 -24.32 19.77 -7.40
CA ASP A 369 -25.45 19.66 -8.32
C ASP A 369 -25.30 18.34 -9.06
N VAL A 370 -26.18 17.38 -8.75
CA VAL A 370 -26.15 16.06 -9.38
C VAL A 370 -27.53 15.82 -9.98
N ASN A 371 -27.59 15.78 -11.31
CA ASN A 371 -28.85 15.54 -12.04
C ASN A 371 -29.94 16.51 -11.60
N GLY A 372 -29.56 17.76 -11.39
CA GLY A 372 -30.48 18.78 -10.93
C GLY A 372 -30.71 18.83 -9.44
N HIS A 373 -30.38 17.76 -8.71
CA HIS A 373 -30.55 17.73 -7.27
C HIS A 373 -29.45 18.57 -6.61
N LYS A 374 -29.82 19.75 -6.12
CA LYS A 374 -28.87 20.65 -5.48
C LYS A 374 -28.73 20.30 -4.00
N PHE A 375 -27.55 20.59 -3.46
CA PHE A 375 -27.25 20.28 -2.06
C PHE A 375 -26.00 21.05 -1.66
N SER A 376 -25.76 21.10 -0.35
CA SER A 376 -24.60 21.75 0.22
C SER A 376 -24.11 20.96 1.42
N VAL A 377 -22.79 20.98 1.63
CA VAL A 377 -22.15 20.24 2.71
C VAL A 377 -21.13 21.16 3.38
N ARG A 378 -21.15 21.20 4.70
CA ARG A 378 -20.19 21.98 5.49
C ARG A 378 -19.44 21.04 6.43
N GLY A 379 -18.15 21.29 6.61
CA GLY A 379 -17.33 20.43 7.45
C GLY A 379 -16.33 21.17 8.31
N GLU A 380 -16.20 20.77 9.57
CA GLU A 380 -15.22 21.33 10.49
C GLU A 380 -14.33 20.22 11.03
N GLY A 381 -13.18 20.60 11.54
CA GLY A 381 -12.28 19.64 12.14
C GLY A 381 -10.87 20.19 12.23
N GLU A 382 -9.91 19.28 12.39
CA GLU A 382 -8.51 19.65 12.57
C GLU A 382 -7.64 18.76 11.69
N GLY A 383 -6.45 19.29 11.36
CA GLY A 383 -5.48 18.55 10.58
C GLY A 383 -4.12 18.48 11.25
N ASP A 384 -3.53 17.30 11.29
CA ASP A 384 -2.24 17.07 11.94
C ASP A 384 -1.29 16.47 10.90
N ALA A 385 -0.62 17.35 10.14
CA ALA A 385 0.30 16.88 9.12
C ALA A 385 1.52 16.19 9.72
N THR A 386 1.92 16.58 10.93
CA THR A 386 3.05 15.94 11.58
C THR A 386 2.81 14.45 11.78
N ASN A 387 1.57 14.07 12.09
CA ASN A 387 1.19 12.68 12.22
C ASN A 387 0.34 12.18 11.06
N GLY A 388 0.11 13.01 10.05
CA GLY A 388 -0.70 12.63 8.91
C GLY A 388 -2.10 12.19 9.30
N LYS A 389 -2.75 12.98 10.14
CA LYS A 389 -4.05 12.62 10.71
C LYS A 389 -5.09 13.67 10.37
N LEU A 390 -6.31 13.20 10.12
CA LEU A 390 -7.45 14.06 9.83
C LEU A 390 -8.62 13.64 10.70
N THR A 391 -9.39 14.62 11.16
CA THR A 391 -10.67 14.35 11.83
C THR A 391 -11.63 15.45 11.44
N LEU A 392 -12.76 15.08 10.85
CA LEU A 392 -13.71 16.05 10.34
C LEU A 392 -15.13 15.51 10.50
N LYS A 393 -16.07 16.41 10.75
CA LYS A 393 -17.48 16.09 10.77
C LYS A 393 -18.17 16.94 9.70
N PHE A 394 -18.86 16.28 8.78
CA PHE A 394 -19.56 16.94 7.70
C PHE A 394 -21.06 16.88 7.94
N ILE A 395 -21.77 17.91 7.45
CA ILE A 395 -23.21 18.01 7.64
C ILE A 395 -23.83 18.51 6.35
N CYS A 396 -24.90 17.85 5.90
CA CYS A 396 -25.68 18.33 4.77
C CYS A 396 -26.63 19.42 5.27
N THR A 397 -26.33 20.67 4.91
CA THR A 397 -27.11 21.80 5.38
C THR A 397 -28.39 22.02 4.59
N THR A 398 -28.56 21.34 3.46
CA THR A 398 -29.75 21.50 2.63
C THR A 398 -30.81 20.44 2.92
N GLY A 399 -30.62 19.63 3.96
CA GLY A 399 -31.55 18.57 4.27
C GLY A 399 -30.97 17.19 4.10
N LYS A 400 -31.49 16.44 3.13
CA LYS A 400 -31.00 15.10 2.85
C LYS A 400 -29.99 15.13 1.70
N LEU A 401 -28.99 14.26 1.78
CA LEU A 401 -27.97 14.20 0.74
C LEU A 401 -28.46 13.32 -0.40
N PRO A 402 -28.50 13.82 -1.64
CA PRO A 402 -29.02 13.00 -2.74
C PRO A 402 -28.07 11.90 -3.18
N VAL A 403 -26.81 11.96 -2.80
CA VAL A 403 -25.82 10.95 -3.18
C VAL A 403 -25.33 10.29 -1.90
N PRO A 404 -24.73 9.10 -2.01
CA PRO A 404 -24.16 8.47 -0.82
C PRO A 404 -22.93 9.23 -0.33
N TRP A 405 -22.76 9.23 0.99
CA TRP A 405 -21.62 9.91 1.59
C TRP A 405 -20.26 9.41 1.10
N PRO A 406 -20.03 8.10 0.93
CA PRO A 406 -18.71 7.66 0.46
C PRO A 406 -18.32 8.22 -0.90
N THR A 407 -19.27 8.61 -1.74
CA THR A 407 -18.92 9.16 -3.05
C THR A 407 -18.32 10.56 -2.95
N LEU A 408 -18.47 11.24 -1.82
CA LEU A 408 -17.97 12.59 -1.64
C LEU A 408 -16.69 12.65 -0.80
N VAL A 409 -16.18 11.50 -0.35
CA VAL A 409 -15.05 11.49 0.56
C VAL A 409 -13.82 12.11 -0.09
N THR A 410 -13.45 11.62 -1.29
CA THR A 410 -12.25 12.13 -1.95
C THR A 410 -12.41 13.60 -2.32
N THR A 411 -13.63 14.05 -2.59
CA THR A 411 -13.85 15.46 -2.92
C THR A 411 -13.71 16.35 -1.68
N LEU A 412 -14.28 15.92 -0.56
CA LEU A 412 -14.22 16.70 0.68
C LEU A 412 -12.85 16.63 1.31
N VAL A 414 -8.10 17.73 1.04
CA VAL A 414 -7.11 18.55 1.74
C VAL A 414 -5.81 17.78 1.93
N GLN A 415 -5.23 17.34 0.80
CA GLN A 415 -4.04 16.49 0.82
C GLN A 415 -2.79 17.19 1.34
N CYS A 416 -2.88 18.46 1.74
CA CYS A 416 -1.76 19.14 2.35
C CYS A 416 -1.47 18.63 3.77
N PHE A 417 -2.35 17.81 4.33
CA PHE A 417 -2.16 17.28 5.67
C PHE A 417 -1.55 15.89 5.69
N SER A 418 -1.17 15.37 4.53
CA SER A 418 -0.45 14.10 4.48
C SER A 418 0.90 14.23 5.16
N ARG A 419 1.33 13.15 5.81
CA ARG A 419 2.64 13.13 6.46
C ARG A 419 3.69 12.75 5.43
N TYR A 420 4.50 13.72 5.02
CA TYR A 420 5.65 13.45 4.18
C TYR A 420 6.86 13.21 5.05
N PRO A 421 7.46 12.02 5.03
CA PRO A 421 8.62 11.75 5.88
C PRO A 421 9.77 12.69 5.59
N ASP A 422 10.73 12.74 6.52
CA ASP A 422 11.83 13.69 6.43
C ASP A 422 12.60 13.57 5.12
N HIS A 423 12.70 12.36 4.57
CA HIS A 423 13.44 12.16 3.34
C HIS A 423 12.61 12.42 2.08
N MET A 424 11.33 12.75 2.24
CA MET A 424 10.46 13.07 1.11
C MET A 424 9.96 14.50 1.11
N LYS A 425 10.41 15.34 2.04
CA LYS A 425 9.81 16.66 2.21
C LYS A 425 9.99 17.56 0.99
N GLN A 426 10.97 17.27 0.14
CA GLN A 426 11.18 18.05 -1.07
C GLN A 426 10.18 17.72 -2.18
N HIS A 427 9.26 16.79 -1.94
CA HIS A 427 8.26 16.39 -2.92
C HIS A 427 6.84 16.75 -2.48
N ASP A 428 6.72 17.67 -1.54
CA ASP A 428 5.42 18.07 -0.98
C ASP A 428 4.94 19.32 -1.71
N PHE A 429 4.25 19.12 -2.84
CA PHE A 429 3.71 20.25 -3.57
C PHE A 429 2.58 20.94 -2.82
N PHE A 430 1.78 20.16 -2.07
CA PHE A 430 0.58 20.71 -1.44
C PHE A 430 0.94 21.80 -0.43
N LYS A 431 1.81 21.47 0.53
CA LYS A 431 2.20 22.45 1.54
C LYS A 431 2.98 23.61 0.92
N SER A 432 3.75 23.34 -0.14
CA SER A 432 4.58 24.37 -0.74
C SER A 432 3.77 25.45 -1.45
N ALA A 433 2.53 25.16 -1.82
CA ALA A 433 1.67 26.14 -2.49
C ALA A 433 0.95 27.06 -1.51
N MET A 434 1.11 26.85 -0.20
CA MET A 434 0.47 27.60 0.86
C MET A 434 1.29 28.83 1.21
N PRO A 435 0.65 29.90 1.73
CA PRO A 435 -0.78 30.00 2.07
C PRO A 435 -1.68 30.39 0.91
N GLU A 436 -1.10 30.77 -0.23
CA GLU A 436 -1.93 31.09 -1.39
C GLU A 436 -2.76 29.89 -1.82
N GLY A 437 -2.21 28.70 -1.69
CA GLY A 437 -2.96 27.48 -1.95
C GLY A 437 -2.88 27.02 -3.39
N TYR A 438 -3.85 26.18 -3.75
CA TYR A 438 -3.89 25.58 -5.07
C TYR A 438 -5.34 25.29 -5.44
N VAL A 439 -5.54 25.06 -6.75
CA VAL A 439 -6.85 24.65 -7.27
C VAL A 439 -6.80 23.17 -7.58
N GLN A 440 -7.79 22.43 -7.09
CA GLN A 440 -7.89 20.99 -7.28
C GLN A 440 -9.09 20.69 -8.17
N GLU A 441 -8.83 20.16 -9.36
CA GLU A 441 -9.88 19.81 -10.31
C GLU A 441 -9.85 18.30 -10.52
N ARG A 442 -11.04 17.69 -10.50
CA ARG A 442 -11.14 16.24 -10.58
C ARG A 442 -12.27 15.85 -11.53
N THR A 443 -12.14 14.66 -12.11
CA THR A 443 -13.20 14.02 -12.89
C THR A 443 -13.35 12.61 -12.36
N ILE A 444 -14.50 12.32 -11.75
CA ILE A 444 -14.77 11.02 -11.14
C ILE A 444 -15.76 10.28 -12.03
N SER A 445 -15.30 9.24 -12.70
CA SER A 445 -16.13 8.46 -13.62
C SER A 445 -16.61 7.21 -12.89
N PHE A 446 -17.88 7.20 -12.51
CA PHE A 446 -18.49 6.03 -11.89
C PHE A 446 -18.84 5.01 -12.98
N LYS A 447 -18.32 3.80 -12.84
CA LYS A 447 -18.50 2.78 -13.87
C LYS A 447 -19.98 2.46 -14.04
N ASP A 448 -20.45 2.51 -15.28
CA ASP A 448 -21.85 2.24 -15.62
C ASP A 448 -22.79 3.18 -14.89
N ASP A 449 -22.39 4.44 -14.75
CA ASP A 449 -23.22 5.44 -14.10
C ASP A 449 -22.69 6.83 -14.47
N GLY A 450 -23.04 7.83 -13.68
CA GLY A 450 -22.72 9.22 -13.99
C GLY A 450 -21.27 9.58 -13.76
N THR A 451 -21.03 10.89 -13.65
CA THR A 451 -19.68 11.42 -13.55
C THR A 451 -19.70 12.68 -12.71
N TYR A 452 -18.77 12.77 -11.75
CA TYR A 452 -18.57 13.98 -10.97
C TYR A 452 -17.53 14.87 -11.66
N LYS A 453 -17.76 16.17 -11.61
CA LYS A 453 -16.79 17.16 -12.08
C LYS A 453 -16.57 18.17 -10.97
N THR A 454 -15.34 18.25 -10.47
CA THR A 454 -15.03 18.96 -9.25
C THR A 454 -13.99 20.05 -9.52
N ARG A 455 -14.25 21.24 -9.01
CA ARG A 455 -13.24 22.30 -8.93
C ARG A 455 -13.21 22.81 -7.50
N ALA A 456 -12.04 22.74 -6.87
CA ALA A 456 -11.89 23.11 -5.47
C ALA A 456 -10.72 24.06 -5.30
N GLU A 457 -10.89 25.02 -4.39
CA GLU A 457 -9.83 25.95 -4.00
C GLU A 457 -9.44 25.66 -2.56
N VAL A 458 -8.20 25.24 -2.36
CA VAL A 458 -7.66 24.93 -1.04
C VAL A 458 -6.61 25.97 -0.70
N LYS A 459 -6.83 26.70 0.38
CA LYS A 459 -5.98 27.83 0.74
C LYS A 459 -6.17 28.15 2.21
N PHE A 460 -5.36 29.08 2.70
CA PHE A 460 -5.45 29.55 4.08
C PHE A 460 -6.27 30.83 4.14
N GLU A 461 -7.32 30.82 4.95
CA GLU A 461 -8.11 32.01 5.26
C GLU A 461 -7.91 32.29 6.74
N GLY A 462 -6.97 33.20 7.05
CA GLY A 462 -6.58 33.38 8.42
C GLY A 462 -5.73 32.21 8.87
N ASP A 463 -6.05 31.68 10.05
CA ASP A 463 -5.38 30.49 10.57
C ASP A 463 -6.01 29.19 10.08
N THR A 464 -7.04 29.28 9.25
CA THR A 464 -7.87 28.13 8.90
C THR A 464 -7.58 27.64 7.49
N LEU A 465 -7.37 26.33 7.35
CA LEU A 465 -7.28 25.70 6.05
C LEU A 465 -8.69 25.53 5.50
N VAL A 466 -8.97 26.17 4.37
CA VAL A 466 -10.31 26.20 3.78
C VAL A 466 -10.30 25.44 2.47
N ASN A 467 -11.35 24.64 2.24
CA ASN A 467 -11.51 23.84 1.02
C ASN A 467 -12.91 24.11 0.47
N ARG A 468 -13.01 25.07 -0.46
CA ARG A 468 -14.27 25.39 -1.11
C ARG A 468 -14.36 24.63 -2.43
N ILE A 469 -15.45 23.88 -2.62
CA ILE A 469 -15.60 22.98 -3.75
C ILE A 469 -16.90 23.27 -4.47
N GLU A 470 -16.84 23.25 -5.80
CA GLU A 470 -18.03 23.24 -6.66
C GLU A 470 -18.07 21.91 -7.38
N LEU A 471 -19.16 21.17 -7.21
CA LEU A 471 -19.30 19.84 -7.79
C LEU A 471 -20.51 19.79 -8.70
N LYS A 472 -20.34 19.17 -9.87
CA LYS A 472 -21.43 18.95 -10.82
C LYS A 472 -21.44 17.48 -11.22
N GLY A 473 -22.61 16.86 -11.12
CA GLY A 473 -22.76 15.47 -11.52
C GLY A 473 -23.79 15.29 -12.61
N ILE A 474 -23.43 14.60 -13.68
CA ILE A 474 -24.29 14.46 -14.85
C ILE A 474 -24.40 12.99 -15.24
N ASP A 475 -25.50 12.68 -15.92
CA ASP A 475 -25.71 11.36 -16.55
C ASP A 475 -25.77 10.25 -15.51
N PHE A 476 -26.34 10.54 -14.35
CA PHE A 476 -26.50 9.55 -13.30
C PHE A 476 -27.84 8.83 -13.43
N LYS A 477 -27.83 7.54 -13.16
CA LYS A 477 -29.06 6.75 -13.17
C LYS A 477 -29.82 6.97 -11.86
N GLU A 478 -31.07 7.43 -11.96
CA GLU A 478 -31.89 7.61 -10.77
C GLU A 478 -32.10 6.32 -10.01
N ASP A 479 -31.98 5.17 -10.68
CA ASP A 479 -32.04 3.87 -10.04
C ASP A 479 -30.67 3.24 -9.86
N GLY A 480 -29.59 3.99 -10.12
CA GLY A 480 -28.26 3.47 -10.00
C GLY A 480 -27.79 3.38 -8.56
N ASN A 481 -26.52 2.99 -8.40
CA ASN A 481 -25.95 2.82 -7.07
C ASN A 481 -25.76 4.14 -6.35
N ILE A 482 -25.65 5.25 -7.08
CA ILE A 482 -25.41 6.55 -6.46
C ILE A 482 -26.75 7.19 -6.11
N LEU A 483 -27.53 7.57 -7.13
CA LEU A 483 -28.78 8.26 -6.88
C LEU A 483 -29.82 7.36 -6.21
N GLY A 484 -29.61 6.04 -6.22
CA GLY A 484 -30.49 5.12 -5.54
C GLY A 484 -30.07 4.75 -4.14
N HIS A 485 -28.93 5.26 -3.67
CA HIS A 485 -28.42 5.01 -2.32
C HIS A 485 -28.28 3.50 -2.04
N LYS A 486 -27.50 2.85 -2.91
CA LYS A 486 -27.23 1.43 -2.80
C LYS A 486 -25.81 1.14 -2.34
N LEU A 487 -25.06 2.16 -1.93
CA LEU A 487 -23.69 1.99 -1.47
C LEU A 487 -23.64 1.91 0.04
N GLU A 488 -22.74 1.06 0.55
CA GLU A 488 -22.59 0.88 1.98
C GLU A 488 -21.80 2.03 2.60
N TYR A 489 -22.05 2.26 3.89
CA TYR A 489 -21.39 3.35 4.63
C TYR A 489 -20.06 2.85 5.18
N ASN A 490 -19.09 2.76 4.27
CA ASN A 490 -17.72 2.39 4.62
C ASN A 490 -16.81 2.90 3.50
N PHE A 491 -15.49 2.74 3.70
CA PHE A 491 -14.54 3.21 2.71
C PHE A 491 -13.36 2.26 2.52
N ASN A 492 -13.50 0.99 2.89
CA ASN A 492 -12.42 0.03 2.75
C ASN A 492 -12.91 -1.21 2.03
N ASN A 493 -11.96 -1.96 1.49
CA ASN A 493 -12.22 -3.24 0.82
C ASN A 493 -11.35 -4.30 1.50
N PRO A 494 -11.89 -5.04 2.46
CA PRO A 494 -11.09 -6.05 3.16
C PRO A 494 -10.59 -7.12 2.19
N LEU A 495 -9.31 -7.45 2.33
CA LEU A 495 -8.67 -8.44 1.48
C LEU A 495 -8.49 -9.76 2.24
N ASN A 496 -8.58 -10.87 1.51
CA ASN A 496 -8.34 -12.18 2.07
C ASN A 496 -7.44 -12.96 1.11
N MET A 497 -6.26 -13.35 1.58
CA MET A 497 -5.33 -14.09 0.73
C MET A 497 -5.86 -15.47 0.38
N ASN A 498 -6.58 -16.10 1.31
CA ASN A 498 -7.09 -17.47 1.12
C ASN A 498 -5.96 -18.41 0.72
N PHE A 499 -4.87 -18.37 1.48
CA PHE A 499 -3.66 -19.11 1.19
C PHE A 499 -3.44 -20.11 2.32
N GLU A 500 -3.51 -21.40 1.97
CA GLU A 500 -3.39 -22.45 2.97
C GLU A 500 -1.94 -22.66 3.38
N LEU A 501 -1.76 -23.23 4.57
CA LEU A 501 -0.44 -23.55 5.10
C LEU A 501 0.06 -24.81 4.40
N SER A 502 1.12 -24.67 3.61
CA SER A 502 1.65 -25.77 2.82
C SER A 502 2.40 -26.77 3.70
N ASP A 503 2.64 -27.95 3.14
CA ASP A 503 3.41 -28.96 3.85
C ASP A 503 4.85 -28.50 4.07
N GLU A 504 5.38 -27.69 3.15
CA GLU A 504 6.73 -27.15 3.32
C GLU A 504 6.79 -26.18 4.48
N MET A 505 5.73 -25.38 4.66
CA MET A 505 5.69 -24.45 5.78
C MET A 505 5.55 -25.19 7.11
N LYS A 506 4.76 -26.27 7.12
CA LYS A 506 4.64 -27.09 8.32
C LYS A 506 5.98 -27.73 8.67
N ALA A 507 6.67 -28.28 7.66
CA ALA A 507 7.97 -28.89 7.90
C ALA A 507 9.01 -27.85 8.30
N LEU A 508 8.89 -26.63 7.78
CA LEU A 508 9.82 -25.57 8.18
C LEU A 508 9.60 -25.18 9.64
N PHE A 509 8.35 -25.06 10.06
CA PHE A 509 8.06 -24.71 11.45
C PHE A 509 8.53 -25.80 12.41
N LYS A 510 8.50 -27.06 11.98
CA LYS A 510 9.00 -28.15 12.81
C LYS A 510 10.52 -28.12 12.91
N GLU A 511 11.20 -27.71 11.84
CA GLU A 511 12.66 -27.72 11.78
C GLU A 511 13.14 -26.42 11.14
N PRO A 512 13.24 -25.36 11.94
CA PRO A 512 13.67 -24.06 11.37
C PRO A 512 15.10 -24.13 10.86
N ASN A 513 15.33 -23.44 9.74
CA ASN A 513 16.66 -23.38 9.14
C ASN A 513 16.78 -22.09 8.35
N ASP A 514 17.99 -21.83 7.86
CA ASP A 514 18.30 -20.59 7.13
C ASP A 514 18.91 -20.90 5.77
N LYS A 515 18.55 -22.02 5.16
CA LYS A 515 19.14 -22.45 3.90
C LYS A 515 18.42 -21.82 2.72
N ALA A 516 19.20 -21.35 1.75
CA ALA A 516 18.63 -20.88 0.51
C ALA A 516 18.11 -22.06 -0.32
N LEU A 517 17.04 -21.83 -1.05
CA LEU A 517 16.43 -22.88 -1.87
C LEU A 517 16.36 -22.46 -3.33
#